data_5EFJ
#
_entry.id   5EFJ
#
_cell.length_a   83.530
_cell.length_b   94.144
_cell.length_c   51.476
_cell.angle_alpha   90.00
_cell.angle_beta   90.00
_cell.angle_gamma   90.00
#
_symmetry.space_group_name_H-M   'P 21 21 2'
#
loop_
_entity.id
_entity.type
_entity.pdbx_description
1 polymer 'Hdac6 protein'
2 polymer 'HC toxin'
3 non-polymer 'ZINC ION'
4 non-polymer 'POTASSIUM ION'
5 non-polymer GLYCEROL
6 non-polymer 'NITRATE ION'
7 non-polymer 1,2-ETHANEDIOL
8 water water
#
loop_
_entity_poly.entity_id
_entity_poly.type
_entity_poly.pdbx_seq_one_letter_code
_entity_poly.pdbx_strand_id
1 'polypeptide(L)'
;SNAGGSSPITGLVYDQRMMLHHNMWDSHHPELPQRISRIFSRHEELRLLSRCHRIPARLATEEELALCHSSKHISIIKSS
EHMKPRDLNRLGDEYNSIFISNESYTCALLAAGSCFNSAQAILTGQVRNAVAIVRPPGHHAEKDTACGFCFFNTAALTAR
YAQSITRESLRVLIVDWDVHHGNGTQHIFEEDDSVLYISLHRYEDGAFFPNSEDANYDKVGLGKGRGYNVNIPWNGGKMG
DPEYMAAFHHLVMPIAREFAPELVLVSAGFDAARGDPLGGFQVTPEGYAHLTHQLMSLAAGRVLIILEGGYNLTSISESM
SMCTSMLLGDSPPSLDHLTPLKTSATVSINNVLRAHAPFWSSLR
;
D
2 'polypeptide(D)' (5OM)(DPR)A(DAL) F
#
# COMPACT_ATOMS: atom_id res chain seq x y z
N PRO A 8 -23.24 -7.52 0.51
CA PRO A 8 -22.79 -6.42 -0.35
C PRO A 8 -22.52 -5.16 0.48
N ILE A 9 -21.53 -5.24 1.35
CA ILE A 9 -21.27 -4.19 2.33
C ILE A 9 -19.77 -3.82 2.25
N THR A 10 -19.46 -2.55 2.48
CA THR A 10 -18.08 -2.08 2.54
C THR A 10 -17.72 -1.81 4.00
N GLY A 11 -16.59 -2.35 4.46
CA GLY A 11 -16.10 -2.07 5.79
C GLY A 11 -15.15 -0.87 5.79
N LEU A 12 -15.08 -0.18 6.93
CA LEU A 12 -14.11 0.91 7.09
C LEU A 12 -13.52 0.83 8.48
N VAL A 13 -12.18 0.93 8.57
CA VAL A 13 -11.54 1.00 9.87
C VAL A 13 -10.70 2.27 9.99
N TYR A 14 -10.84 2.93 11.14
CA TYR A 14 -10.14 4.18 11.46
C TYR A 14 -10.13 4.32 12.97
N ASP A 15 -8.97 4.68 13.52
CA ASP A 15 -8.87 4.93 14.95
C ASP A 15 -7.97 6.12 15.17
N GLN A 16 -8.53 7.14 15.80
CA GLN A 16 -7.80 8.39 15.99
CA GLN A 16 -7.86 8.41 16.08
C GLN A 16 -6.55 8.22 16.85
N ARG A 17 -6.45 7.10 17.57
CA ARG A 17 -5.24 6.82 18.37
C ARG A 17 -4.01 6.72 17.48
N MET A 18 -4.17 6.34 16.22
CA MET A 18 -3.03 6.27 15.30
C MET A 18 -2.44 7.65 14.99
N MET A 19 -3.11 8.71 15.42
CA MET A 19 -2.54 10.05 15.26
C MET A 19 -1.42 10.33 16.26
N LEU A 20 -1.26 9.47 17.28
CA LEU A 20 -0.36 9.81 18.38
C LEU A 20 1.10 9.74 17.97
N HIS A 21 1.40 8.90 17.00
CA HIS A 21 2.73 8.77 16.41
C HIS A 21 3.12 10.12 15.79
N HIS A 22 4.20 10.72 16.26
CA HIS A 22 4.54 12.06 15.78
C HIS A 22 6.03 12.32 15.81
N ASN A 23 6.44 13.36 15.10
CA ASN A 23 7.83 13.75 15.02
C ASN A 23 8.09 14.93 15.97
N MET A 24 8.77 14.67 17.09
CA MET A 24 8.89 15.69 18.12
C MET A 24 9.95 16.74 17.78
N TRP A 25 10.72 16.49 16.72
CA TRP A 25 11.81 17.41 16.34
C TRP A 25 11.45 18.25 15.13
N ASP A 26 10.40 17.85 14.41
CA ASP A 26 10.04 18.50 13.16
C ASP A 26 8.56 18.28 12.97
N SER A 27 7.77 19.21 13.51
CA SER A 27 6.31 19.04 13.49
C SER A 27 5.74 19.17 12.07
N HIS A 28 6.57 19.59 11.11
CA HIS A 28 6.13 19.71 9.73
C HIS A 28 6.57 18.55 8.81
N HIS A 29 7.18 17.51 9.40
CA HIS A 29 7.50 16.30 8.65
C HIS A 29 6.25 15.82 7.92
N PRO A 30 6.39 15.45 6.64
CA PRO A 30 5.17 15.20 5.84
C PRO A 30 4.31 14.03 6.30
N GLU A 31 4.83 13.06 7.04
CA GLU A 31 4.00 11.94 7.51
C GLU A 31 3.27 12.38 8.78
N LEU A 32 2.27 13.24 8.58
CA LEU A 32 1.57 13.95 9.65
C LEU A 32 0.44 13.15 10.28
N PRO A 33 0.24 13.35 11.57
CA PRO A 33 -0.94 12.76 12.23
C PRO A 33 -2.24 13.06 11.49
N GLN A 34 -2.39 14.29 11.01
CA GLN A 34 -3.66 14.65 10.40
C GLN A 34 -3.87 14.04 9.00
N ARG A 35 -2.91 13.25 8.48
CA ARG A 35 -3.19 12.56 7.24
C ARG A 35 -4.44 11.70 7.42
N ILE A 36 -4.52 10.97 8.53
CA ILE A 36 -5.64 10.03 8.64
C ILE A 36 -6.92 10.72 9.10
N SER A 37 -6.82 11.75 9.95
CA SER A 37 -8.03 12.44 10.39
C SER A 37 -8.65 13.24 9.23
N ARG A 38 -7.81 13.82 8.36
CA ARG A 38 -8.35 14.50 7.19
C ARG A 38 -9.06 13.55 6.23
N ILE A 39 -8.48 12.37 6.00
CA ILE A 39 -9.14 11.41 5.14
C ILE A 39 -10.47 10.97 5.75
N PHE A 40 -10.44 10.68 7.06
CA PHE A 40 -11.64 10.26 7.75
C PHE A 40 -12.72 11.34 7.69
N SER A 41 -12.35 12.59 7.95
CA SER A 41 -13.29 13.71 7.85
C SER A 41 -13.94 13.81 6.48
N ARG A 42 -13.15 13.64 5.42
CA ARG A 42 -13.70 13.77 4.07
C ARG A 42 -14.71 12.66 3.78
N HIS A 43 -14.44 11.47 4.33
CA HIS A 43 -15.40 10.35 4.20
C HIS A 43 -16.71 10.72 4.88
N GLU A 44 -16.62 11.40 6.02
CA GLU A 44 -17.83 11.81 6.73
C GLU A 44 -18.55 12.89 5.94
N GLU A 45 -17.81 13.89 5.48
CA GLU A 45 -18.37 14.99 4.68
C GLU A 45 -19.12 14.52 3.45
N LEU A 46 -18.56 13.54 2.75
CA LEU A 46 -19.16 13.05 1.51
C LEU A 46 -20.20 11.97 1.77
N ARG A 47 -20.52 11.73 3.03
CA ARG A 47 -21.53 10.78 3.45
C ARG A 47 -21.18 9.37 3.00
N LEU A 48 -19.89 9.08 2.95
CA LEU A 48 -19.42 7.73 2.68
C LEU A 48 -19.33 6.92 3.95
N LEU A 49 -18.98 7.60 5.04
CA LEU A 49 -18.76 6.93 6.31
C LEU A 49 -20.03 6.23 6.78
N SER A 50 -21.16 6.94 6.70
CA SER A 50 -22.41 6.37 7.18
C SER A 50 -22.87 5.17 6.34
N ARG A 51 -22.31 5.01 5.15
CA ARG A 51 -22.68 3.89 4.25
C ARG A 51 -21.82 2.65 4.48
N CYS A 52 -20.77 2.78 5.28
CA CYS A 52 -19.85 1.69 5.55
C CYS A 52 -20.19 1.02 6.86
N HIS A 53 -19.76 -0.23 6.98
CA HIS A 53 -19.81 -0.94 8.25
C HIS A 53 -18.52 -0.67 8.99
N ARG A 54 -18.60 -0.12 10.19
CA ARG A 54 -17.41 0.26 10.93
C ARG A 54 -16.76 -0.96 11.56
N ILE A 55 -15.50 -1.23 11.16
CA ILE A 55 -14.72 -2.34 11.68
C ILE A 55 -13.79 -1.82 12.78
N PRO A 56 -13.80 -2.46 13.96
CA PRO A 56 -12.95 -1.96 15.04
C PRO A 56 -11.47 -2.14 14.78
N ALA A 57 -10.66 -1.17 15.19
CA ALA A 57 -9.22 -1.33 15.26
C ALA A 57 -8.88 -2.29 16.38
N ARG A 58 -7.72 -2.93 16.28
CA ARG A 58 -7.18 -3.65 17.42
C ARG A 58 -5.67 -3.63 17.30
N LEU A 59 -4.99 -3.98 18.39
CA LEU A 59 -3.55 -4.16 18.35
C LEU A 59 -3.23 -5.48 17.67
N ALA A 60 -2.26 -5.46 16.75
CA ALA A 60 -1.62 -6.70 16.33
C ALA A 60 -0.91 -7.30 17.54
N THR A 61 -0.85 -8.62 17.61
CA THR A 61 -0.01 -9.29 18.58
C THR A 61 1.43 -9.44 18.08
N GLU A 62 2.36 -9.67 18.99
CA GLU A 62 3.74 -9.86 18.59
C GLU A 62 3.89 -11.14 17.77
N GLU A 63 3.06 -12.14 18.07
CA GLU A 63 3.07 -13.36 17.28
C GLU A 63 2.58 -13.10 15.84
N GLU A 64 1.61 -12.21 15.67
CA GLU A 64 1.22 -11.82 14.31
C GLU A 64 2.33 -11.04 13.61
N LEU A 65 3.01 -10.17 14.35
CA LEU A 65 4.13 -9.45 13.74
C LEU A 65 5.21 -10.40 13.22
N ALA A 66 5.40 -11.50 13.95
CA ALA A 66 6.42 -12.47 13.57
C ALA A 66 6.06 -13.27 12.31
N LEU A 67 4.86 -13.07 11.78
CA LEU A 67 4.53 -13.64 10.46
C LEU A 67 5.49 -13.14 9.38
N CYS A 68 5.98 -11.89 9.53
CA CYS A 68 6.93 -11.33 8.57
C CYS A 68 8.21 -10.77 9.18
N HIS A 69 8.23 -10.47 10.47
CA HIS A 69 9.37 -9.75 11.05
C HIS A 69 10.15 -10.59 12.04
N SER A 70 11.44 -10.30 12.16
CA SER A 70 12.29 -10.99 13.14
C SER A 70 11.93 -10.61 14.57
N SER A 71 12.17 -11.51 15.51
CA SER A 71 11.92 -11.20 16.92
CA SER A 71 11.91 -11.19 16.91
C SER A 71 12.79 -10.02 17.36
N LYS A 72 14.00 -9.95 16.83
CA LYS A 72 14.87 -8.83 17.18
C LYS A 72 14.27 -7.49 16.74
N HIS A 73 13.83 -7.40 15.49
CA HIS A 73 13.22 -6.17 15.01
C HIS A 73 12.01 -5.79 15.87
N ILE A 74 11.10 -6.73 16.10
CA ILE A 74 9.93 -6.45 16.91
C ILE A 74 10.34 -5.90 18.29
N SER A 75 11.29 -6.57 18.93
N SER A 75 11.29 -6.55 18.95
CA SER A 75 11.74 -6.21 20.26
CA SER A 75 11.64 -6.13 20.30
C SER A 75 12.36 -4.81 20.33
C SER A 75 12.33 -4.77 20.33
N ILE A 76 13.11 -4.46 19.29
CA ILE A 76 13.78 -3.17 19.24
C ILE A 76 12.74 -2.03 19.07
N ILE A 77 11.79 -2.19 18.15
CA ILE A 77 10.76 -1.17 18.01
C ILE A 77 9.92 -1.11 19.27
N LYS A 78 9.62 -2.25 19.89
CA LYS A 78 8.86 -2.24 21.14
C LYS A 78 9.61 -1.48 22.25
N SER A 79 10.94 -1.60 22.26
CA SER A 79 11.72 -0.97 23.32
C SER A 79 11.62 0.56 23.26
N SER A 80 11.20 1.11 22.12
CA SER A 80 11.10 2.56 21.98
C SER A 80 9.97 3.16 22.82
N GLU A 81 9.04 2.32 23.30
CA GLU A 81 7.90 2.78 24.10
C GLU A 81 8.24 3.61 25.33
N HIS A 82 9.35 3.28 25.98
CA HIS A 82 9.74 4.01 27.19
C HIS A 82 11.04 4.77 27.06
N MET A 83 11.45 5.09 25.83
CA MET A 83 12.69 5.82 25.63
C MET A 83 12.53 7.30 25.84
N LYS A 84 13.57 7.92 26.37
CA LYS A 84 13.64 9.38 26.45
C LYS A 84 13.96 9.92 25.06
N PRO A 85 13.70 11.22 24.83
CA PRO A 85 13.90 11.77 23.48
C PRO A 85 15.28 11.51 22.86
N ARG A 86 16.36 11.62 23.64
CA ARG A 86 17.69 11.36 23.09
C ARG A 86 17.80 9.95 22.49
N ASP A 87 17.24 8.97 23.17
CA ASP A 87 17.36 7.62 22.66
C ASP A 87 16.38 7.33 21.53
N LEU A 88 15.23 8.01 21.53
CA LEU A 88 14.32 7.93 20.38
C LEU A 88 15.00 8.46 19.15
N ASN A 89 15.75 9.54 19.32
CA ASN A 89 16.46 10.15 18.20
C ASN A 89 17.54 9.20 17.70
N ARG A 90 18.32 8.65 18.63
CA ARG A 90 19.38 7.72 18.27
C ARG A 90 18.84 6.49 17.54
N LEU A 91 17.76 5.91 18.06
CA LEU A 91 17.20 4.70 17.46
C LEU A 91 16.64 5.01 16.06
N GLY A 92 15.86 6.08 15.94
CA GLY A 92 15.32 6.46 14.64
C GLY A 92 16.41 6.65 13.58
N ASP A 93 17.53 7.23 14.01
CA ASP A 93 18.64 7.54 13.12
C ASP A 93 19.36 6.29 12.63
N GLU A 94 19.13 5.14 13.27
CA GLU A 94 19.76 3.92 12.80
C GLU A 94 19.12 3.43 11.50
N TYR A 95 17.95 3.97 11.17
CA TYR A 95 17.23 3.58 9.97
C TYR A 95 17.27 4.65 8.91
N ASN A 96 16.85 4.28 7.71
CA ASN A 96 16.72 5.24 6.62
C ASN A 96 15.34 5.91 6.74
N SER A 97 15.33 7.20 7.07
CA SER A 97 14.11 8.01 7.03
C SER A 97 13.01 7.52 8.00
N ILE A 98 13.36 7.50 9.28
CA ILE A 98 12.44 7.11 10.34
C ILE A 98 12.46 8.15 11.47
N PHE A 99 11.28 8.52 11.97
CA PHE A 99 11.21 9.20 13.26
C PHE A 99 10.36 8.37 14.21
N ILE A 100 10.67 8.45 15.50
CA ILE A 100 9.99 7.62 16.50
C ILE A 100 9.57 8.46 17.70
N SER A 101 8.34 8.25 18.18
CA SER A 101 7.91 8.80 19.47
C SER A 101 7.51 7.62 20.37
N ASN A 102 7.19 7.90 21.62
CA ASN A 102 6.81 6.82 22.54
C ASN A 102 5.55 6.08 22.09
N GLU A 103 4.74 6.73 21.26
CA GLU A 103 3.48 6.14 20.82
C GLU A 103 3.61 5.37 19.50
N SER A 104 4.80 5.40 18.89
CA SER A 104 4.97 4.84 17.55
C SER A 104 4.65 3.35 17.48
N TYR A 105 5.18 2.58 18.41
CA TYR A 105 4.97 1.14 18.42
C TYR A 105 3.49 0.80 18.51
N THR A 106 2.78 1.42 19.45
CA THR A 106 1.34 1.24 19.58
C THR A 106 0.61 1.55 18.29
N CYS A 107 0.96 2.66 17.67
CA CYS A 107 0.30 3.06 16.43
C CYS A 107 0.57 2.06 15.31
N ALA A 108 1.80 1.57 15.23
CA ALA A 108 2.12 0.58 14.22
C ALA A 108 1.35 -0.72 14.47
N LEU A 109 1.19 -1.10 15.74
CA LEU A 109 0.35 -2.27 16.04
C LEU A 109 -1.10 -2.07 15.66
N LEU A 110 -1.65 -0.87 15.91
CA LEU A 110 -3.05 -0.58 15.56
C LEU A 110 -3.23 -0.59 14.05
N ALA A 111 -2.24 -0.08 13.32
CA ALA A 111 -2.40 -0.06 11.85
C ALA A 111 -2.50 -1.50 11.33
N ALA A 112 -1.64 -2.38 11.83
CA ALA A 112 -1.65 -3.77 11.39
C ALA A 112 -2.90 -4.52 11.87
N GLY A 113 -3.21 -4.41 13.14
CA GLY A 113 -4.38 -5.08 13.69
C GLY A 113 -5.66 -4.65 13.03
N SER A 114 -5.76 -3.37 12.67
CA SER A 114 -6.90 -2.84 11.95
C SER A 114 -7.07 -3.54 10.62
N CYS A 115 -5.95 -3.77 9.93
CA CYS A 115 -6.03 -4.41 8.63
C CYS A 115 -6.33 -5.90 8.79
N PHE A 116 -5.84 -6.53 9.86
CA PHE A 116 -6.19 -7.94 10.08
C PHE A 116 -7.68 -8.07 10.30
N ASN A 117 -8.25 -7.22 11.13
CA ASN A 117 -9.69 -7.25 11.34
C ASN A 117 -10.47 -7.02 10.05
N SER A 118 -9.94 -6.18 9.17
CA SER A 118 -10.61 -5.92 7.91
C SER A 118 -10.54 -7.14 7.00
N ALA A 119 -9.36 -7.74 6.90
CA ALA A 119 -9.21 -8.95 6.09
C ALA A 119 -10.11 -10.06 6.64
N GLN A 120 -10.16 -10.19 7.96
CA GLN A 120 -11.06 -11.17 8.60
C GLN A 120 -12.52 -10.90 8.22
N ALA A 121 -12.93 -9.63 8.26
CA ALA A 121 -14.31 -9.25 7.96
C ALA A 121 -14.66 -9.67 6.53
N ILE A 122 -13.72 -9.45 5.61
CA ILE A 122 -13.93 -9.87 4.23
C ILE A 122 -13.98 -11.38 4.11
N LEU A 123 -12.99 -12.06 4.68
CA LEU A 123 -12.87 -13.51 4.49
C LEU A 123 -13.94 -14.33 5.24
N THR A 124 -14.51 -13.78 6.31
CA THR A 124 -15.67 -14.43 6.96
C THR A 124 -17.00 -14.06 6.31
N GLY A 125 -16.97 -13.15 5.34
CA GLY A 125 -18.16 -12.75 4.63
C GLY A 125 -18.98 -11.67 5.31
N GLN A 126 -18.41 -11.04 6.32
CA GLN A 126 -19.13 -9.97 7.03
C GLN A 126 -19.25 -8.74 6.13
N VAL A 127 -18.22 -8.50 5.32
CA VAL A 127 -18.26 -7.44 4.34
C VAL A 127 -17.68 -7.96 3.03
N ARG A 128 -17.95 -7.26 1.94
CA ARG A 128 -17.41 -7.70 0.65
C ARG A 128 -16.02 -7.14 0.44
N ASN A 129 -15.85 -5.88 0.82
CA ASN A 129 -14.58 -5.19 0.62
C ASN A 129 -14.39 -4.18 1.78
N ALA A 130 -13.23 -3.54 1.82
CA ALA A 130 -12.99 -2.63 2.97
C ALA A 130 -11.89 -1.64 2.69
N VAL A 131 -11.89 -0.56 3.48
CA VAL A 131 -10.85 0.45 3.40
C VAL A 131 -10.28 0.65 4.81
N ALA A 132 -8.96 0.80 4.88
CA ALA A 132 -8.27 0.96 6.17
C ALA A 132 -7.52 2.28 6.19
N ILE A 133 -7.98 3.20 7.04
CA ILE A 133 -7.37 4.53 7.12
C ILE A 133 -6.39 4.51 8.28
N VAL A 134 -5.14 4.13 7.97
CA VAL A 134 -4.15 3.79 9.01
C VAL A 134 -2.81 4.50 8.82
N ARG A 135 -2.10 4.75 9.92
CA ARG A 135 -0.69 5.18 9.89
C ARG A 135 -0.07 4.67 11.20
N PRO A 136 1.26 4.56 11.27
CA PRO A 136 2.26 4.79 10.22
C PRO A 136 2.10 3.75 9.09
N PRO A 137 2.66 4.05 7.91
CA PRO A 137 2.58 3.14 6.77
C PRO A 137 3.49 1.92 6.93
N GLY A 138 3.46 1.05 5.93
CA GLY A 138 4.13 -0.24 6.04
C GLY A 138 5.06 -0.71 4.93
N HIS A 139 4.85 -0.32 3.67
CA HIS A 139 5.45 -1.15 2.59
C HIS A 139 6.99 -1.07 2.45
N HIS A 140 7.66 -0.09 3.08
CA HIS A 140 9.14 -0.09 3.10
C HIS A 140 9.73 -0.97 4.22
N ALA A 141 8.92 -1.35 5.20
CA ALA A 141 9.44 -2.15 6.32
C ALA A 141 9.86 -3.53 5.84
N GLU A 142 11.05 -3.93 6.29
CA GLU A 142 11.67 -5.19 5.91
C GLU A 142 11.48 -6.18 7.06
N LYS A 143 11.78 -7.45 6.80
CA LYS A 143 11.74 -8.45 7.87
C LYS A 143 12.47 -7.98 9.12
N ASP A 144 13.68 -7.43 8.93
CA ASP A 144 14.55 -7.09 10.04
C ASP A 144 14.79 -5.60 10.29
N THR A 145 14.13 -4.73 9.56
CA THR A 145 14.41 -3.32 9.78
C THR A 145 13.25 -2.40 9.39
N ALA A 146 13.23 -1.22 10.01
CA ALA A 146 12.31 -0.13 9.67
C ALA A 146 12.91 0.73 8.55
N CYS A 147 12.07 1.43 7.81
CA CYS A 147 12.52 2.20 6.65
C CYS A 147 11.43 3.11 6.15
N GLY A 148 11.77 4.33 5.75
CA GLY A 148 10.86 5.14 4.94
C GLY A 148 9.50 5.36 5.60
N PHE A 149 9.53 5.75 6.89
CA PHE A 149 8.35 6.09 7.67
C PHE A 149 7.60 4.85 8.15
N CYS A 150 8.12 3.67 7.85
CA CYS A 150 7.41 2.39 8.11
C CYS A 150 8.11 1.54 9.18
N PHE A 151 7.34 1.00 10.12
CA PHE A 151 7.90 0.12 11.15
C PHE A 151 7.67 -1.36 10.88
N PHE A 152 6.43 -1.73 10.62
CA PHE A 152 6.08 -3.11 10.27
C PHE A 152 5.32 -3.11 8.96
N ASN A 153 5.43 -4.20 8.21
CA ASN A 153 4.89 -4.15 6.85
C ASN A 153 3.45 -4.61 6.90
N THR A 154 2.58 -3.66 7.18
CA THR A 154 1.16 -3.91 7.36
C THR A 154 0.51 -4.74 6.24
N ALA A 155 0.77 -4.39 4.99
CA ALA A 155 0.14 -5.14 3.89
C ALA A 155 0.68 -6.57 3.82
N ALA A 156 1.99 -6.71 3.96
CA ALA A 156 2.58 -8.06 3.92
C ALA A 156 2.04 -8.91 5.05
N LEU A 157 1.98 -8.33 6.24
CA LEU A 157 1.45 -9.05 7.41
C LEU A 157 -0.01 -9.48 7.17
N THR A 158 -0.78 -8.61 6.52
CA THR A 158 -2.19 -8.88 6.31
C THR A 158 -2.32 -10.05 5.34
N ALA A 159 -1.42 -10.13 4.36
CA ALA A 159 -1.46 -11.25 3.42
C ALA A 159 -1.23 -12.55 4.19
N ARG A 160 -0.21 -12.54 5.07
CA ARG A 160 0.10 -13.74 5.88
C ARG A 160 -0.99 -14.05 6.88
N TYR A 161 -1.57 -13.00 7.47
CA TYR A 161 -2.68 -13.18 8.40
C TYR A 161 -3.84 -13.86 7.65
N ALA A 162 -4.14 -13.38 6.43
CA ALA A 162 -5.24 -13.96 5.66
C ALA A 162 -5.00 -15.46 5.40
N GLN A 163 -3.75 -15.80 5.05
CA GLN A 163 -3.38 -17.19 4.84
C GLN A 163 -3.49 -18.01 6.13
N SER A 164 -3.25 -17.35 7.26
CA SER A 164 -3.27 -18.03 8.55
C SER A 164 -4.69 -18.42 9.00
N ILE A 165 -5.72 -17.80 8.42
CA ILE A 165 -7.08 -18.17 8.78
C ILE A 165 -7.81 -18.85 7.63
N THR A 166 -7.08 -19.17 6.57
CA THR A 166 -7.68 -19.89 5.45
C THR A 166 -6.77 -21.05 5.09
N ARG A 167 -5.86 -20.84 4.18
CA ARG A 167 -4.81 -21.84 3.95
C ARG A 167 -3.53 -21.16 3.55
N GLU A 168 -2.40 -21.82 3.82
CA GLU A 168 -1.10 -21.22 3.57
C GLU A 168 -0.93 -20.76 2.13
N SER A 169 -1.57 -21.46 1.20
CA SER A 169 -1.42 -21.15 -0.22
C SER A 169 -2.50 -20.24 -0.81
N LEU A 170 -3.32 -19.63 0.06
CA LEU A 170 -4.33 -18.68 -0.41
C LEU A 170 -3.67 -17.67 -1.34
N ARG A 171 -4.23 -17.49 -2.53
CA ARG A 171 -3.60 -16.58 -3.50
C ARG A 171 -3.95 -15.14 -3.19
N VAL A 172 -2.93 -14.38 -2.80
CA VAL A 172 -3.13 -12.98 -2.45
C VAL A 172 -2.40 -12.10 -3.46
N LEU A 173 -3.13 -11.16 -4.05
CA LEU A 173 -2.53 -10.15 -4.92
C LEU A 173 -2.34 -8.88 -4.11
N ILE A 174 -1.12 -8.36 -4.11
CA ILE A 174 -0.86 -7.04 -3.50
C ILE A 174 -0.54 -6.08 -4.62
N VAL A 175 -1.40 -5.08 -4.82
CA VAL A 175 -1.13 -4.04 -5.81
C VAL A 175 -0.68 -2.81 -5.05
N ASP A 176 0.53 -2.36 -5.34
CA ASP A 176 1.14 -1.26 -4.59
C ASP A 176 1.21 -0.05 -5.51
N TRP A 177 0.26 0.88 -5.39
CA TRP A 177 0.27 2.04 -6.27
C TRP A 177 0.75 3.32 -5.56
N ASP A 178 1.22 3.17 -4.31
CA ASP A 178 2.09 4.21 -3.73
C ASP A 178 3.18 4.58 -4.74
N VAL A 179 3.57 5.85 -4.82
CA VAL A 179 4.53 6.25 -5.87
C VAL A 179 5.93 5.69 -5.61
N HIS A 180 6.15 5.21 -4.38
CA HIS A 180 7.45 4.60 -4.03
C HIS A 180 7.38 3.09 -4.14
N HIS A 181 8.50 2.48 -4.49
CA HIS A 181 8.57 1.02 -4.47
C HIS A 181 8.41 0.44 -3.07
N GLY A 182 7.61 -0.61 -2.92
CA GLY A 182 7.53 -1.30 -1.65
C GLY A 182 8.61 -2.35 -1.53
N ASN A 183 9.84 -1.89 -1.24
CA ASN A 183 11.00 -2.78 -1.18
C ASN A 183 10.75 -3.92 -0.18
N GLY A 184 10.11 -3.58 0.94
CA GLY A 184 9.88 -4.56 2.00
C GLY A 184 8.94 -5.66 1.53
N THR A 185 7.87 -5.26 0.85
CA THR A 185 6.88 -6.22 0.38
C THR A 185 7.49 -7.15 -0.68
N GLN A 186 8.23 -6.56 -1.60
CA GLN A 186 8.89 -7.36 -2.63
C GLN A 186 9.78 -8.43 -1.98
N HIS A 187 10.61 -8.02 -1.02
CA HIS A 187 11.57 -8.94 -0.42
C HIS A 187 10.89 -10.05 0.36
N ILE A 188 9.90 -9.67 1.16
CA ILE A 188 9.19 -10.65 1.98
C ILE A 188 8.60 -11.75 1.13
N PHE A 189 8.09 -11.38 -0.04
CA PHE A 189 7.45 -12.40 -0.91
C PHE A 189 8.26 -12.80 -2.13
N GLU A 190 9.54 -12.45 -2.18
CA GLU A 190 10.24 -12.62 -3.45
C GLU A 190 10.35 -14.07 -3.91
N GLU A 191 10.38 -15.02 -2.97
CA GLU A 191 10.51 -16.43 -3.33
C GLU A 191 9.17 -17.16 -3.19
N ASP A 192 8.08 -16.40 -3.17
CA ASP A 192 6.75 -16.94 -2.85
C ASP A 192 5.82 -16.86 -4.05
N ASP A 193 5.21 -17.97 -4.45
CA ASP A 193 4.26 -17.92 -5.56
C ASP A 193 2.80 -17.80 -5.07
N SER A 194 2.60 -17.68 -3.77
CA SER A 194 1.23 -17.57 -3.25
C SER A 194 0.84 -16.10 -3.14
N VAL A 195 1.83 -15.21 -3.18
CA VAL A 195 1.55 -13.78 -3.09
C VAL A 195 2.16 -13.09 -4.30
N LEU A 196 1.29 -12.57 -5.16
CA LEU A 196 1.72 -11.84 -6.33
C LEU A 196 1.86 -10.37 -5.94
N TYR A 197 3.06 -9.84 -6.09
CA TYR A 197 3.33 -8.43 -5.78
C TYR A 197 3.45 -7.64 -7.09
N ILE A 198 2.59 -6.64 -7.26
CA ILE A 198 2.68 -5.75 -8.40
C ILE A 198 2.80 -4.31 -7.90
N SER A 199 3.91 -3.67 -8.23
CA SER A 199 4.16 -2.30 -7.81
C SER A 199 4.34 -1.39 -9.03
N LEU A 200 3.70 -0.22 -9.00
CA LEU A 200 3.99 0.86 -9.92
C LEU A 200 4.72 1.89 -9.09
N HIS A 201 5.80 2.45 -9.61
CA HIS A 201 6.55 3.40 -8.79
C HIS A 201 7.50 4.23 -9.63
N ARG A 202 7.71 5.45 -9.18
CA ARG A 202 8.73 6.27 -9.77
C ARG A 202 10.09 5.63 -9.42
N TYR A 203 11.00 5.59 -10.39
CA TYR A 203 12.27 4.88 -10.25
C TYR A 203 13.44 5.79 -10.61
N GLU A 204 13.36 6.41 -11.78
CA GLU A 204 14.42 7.32 -12.27
C GLU A 204 15.79 6.68 -12.20
N ASP A 205 15.88 5.44 -12.66
CA ASP A 205 17.12 4.67 -12.70
C ASP A 205 17.85 4.66 -11.38
N GLY A 206 17.09 4.63 -10.30
CA GLY A 206 17.66 4.57 -8.96
C GLY A 206 17.75 5.90 -8.22
N ALA A 207 17.41 7.03 -8.86
CA ALA A 207 17.53 8.30 -8.16
C ALA A 207 16.37 8.55 -7.20
N PHE A 208 15.26 7.84 -7.41
CA PHE A 208 14.10 8.07 -6.57
C PHE A 208 14.07 7.10 -5.36
N PHE A 209 13.69 7.59 -4.19
CA PHE A 209 13.62 6.76 -2.99
C PHE A 209 12.80 5.51 -3.27
N PRO A 210 13.25 4.31 -2.83
CA PRO A 210 14.40 4.02 -1.94
C PRO A 210 15.74 3.72 -2.64
N ASN A 211 15.91 4.17 -3.88
CA ASN A 211 17.24 4.28 -4.51
C ASN A 211 17.94 2.94 -4.73
N SER A 212 17.15 1.91 -4.99
CA SER A 212 17.71 0.58 -5.21
C SER A 212 17.28 0.00 -6.56
N GLU A 213 18.21 -0.68 -7.23
CA GLU A 213 17.88 -1.36 -8.48
C GLU A 213 16.92 -2.54 -8.26
N ASP A 214 16.66 -2.89 -7.00
CA ASP A 214 15.63 -3.90 -6.70
C ASP A 214 14.27 -3.54 -7.29
N ALA A 215 14.07 -2.24 -7.51
CA ALA A 215 12.80 -1.75 -8.01
C ALA A 215 12.66 -1.82 -9.53
N ASN A 216 13.69 -2.32 -10.24
CA ASN A 216 13.63 -2.26 -11.70
C ASN A 216 12.77 -3.38 -12.28
N TYR A 217 12.39 -3.24 -13.54
CA TYR A 217 11.42 -4.18 -14.16
C TYR A 217 11.95 -5.60 -14.30
N ASP A 218 13.28 -5.74 -14.22
CA ASP A 218 13.86 -7.06 -14.45
C ASP A 218 13.95 -7.89 -13.18
N LYS A 219 13.45 -7.35 -12.08
CA LYS A 219 13.40 -8.11 -10.85
C LYS A 219 12.03 -8.79 -10.82
N VAL A 220 12.01 -10.08 -11.19
CA VAL A 220 10.72 -10.77 -11.46
C VAL A 220 10.40 -11.84 -10.43
N GLY A 221 11.24 -11.96 -9.41
CA GLY A 221 11.00 -12.93 -8.35
C GLY A 221 12.04 -14.04 -8.43
N LEU A 222 12.09 -14.88 -7.39
CA LEU A 222 13.16 -15.87 -7.23
C LEU A 222 12.59 -17.25 -6.97
N GLY A 223 13.24 -18.28 -7.49
CA GLY A 223 12.82 -19.63 -7.19
C GLY A 223 11.39 -19.91 -7.62
N LYS A 224 10.59 -20.50 -6.73
CA LYS A 224 9.19 -20.78 -7.09
C LYS A 224 8.40 -19.49 -7.25
N GLY A 225 8.96 -18.39 -6.75
CA GLY A 225 8.34 -17.07 -6.91
C GLY A 225 8.67 -16.37 -8.22
N ARG A 226 9.39 -17.04 -9.11
CA ARG A 226 9.79 -16.39 -10.35
C ARG A 226 8.56 -16.09 -11.19
N GLY A 227 8.39 -14.81 -11.56
CA GLY A 227 7.20 -14.36 -12.26
C GLY A 227 6.16 -13.72 -11.36
N TYR A 228 6.31 -13.87 -10.03
CA TYR A 228 5.30 -13.37 -9.10
C TYR A 228 5.70 -12.07 -8.42
N ASN A 229 6.65 -11.36 -9.04
CA ASN A 229 7.03 -10.02 -8.64
C ASN A 229 7.05 -9.16 -9.88
N VAL A 230 6.19 -8.15 -9.92
CA VAL A 230 6.03 -7.31 -11.12
C VAL A 230 6.29 -5.86 -10.76
N ASN A 231 7.43 -5.34 -11.20
CA ASN A 231 7.79 -3.95 -11.00
C ASN A 231 7.54 -3.13 -12.27
N ILE A 232 6.81 -2.03 -12.13
CA ILE A 232 6.49 -1.15 -13.24
C ILE A 232 7.15 0.20 -12.88
N PRO A 233 8.39 0.40 -13.34
CA PRO A 233 9.17 1.56 -12.90
C PRO A 233 9.02 2.73 -13.85
N TRP A 234 8.74 3.93 -13.32
CA TRP A 234 8.65 5.12 -14.18
C TRP A 234 9.97 5.93 -14.18
N ASN A 235 10.36 6.38 -15.37
CA ASN A 235 11.54 7.22 -15.58
C ASN A 235 11.16 8.42 -16.43
N GLY A 236 11.82 9.56 -16.19
CA GLY A 236 11.59 10.71 -17.05
C GLY A 236 10.46 11.61 -16.58
N GLY A 237 10.35 11.85 -15.26
CA GLY A 237 9.45 12.86 -14.75
C GLY A 237 7.95 12.53 -14.69
N LYS A 238 7.13 13.59 -14.74
CA LYS A 238 5.71 13.50 -14.35
C LYS A 238 4.90 12.50 -15.12
N MET A 239 4.16 11.62 -14.43
CA MET A 239 3.20 10.68 -15.02
C MET A 239 1.81 10.96 -14.43
N GLY A 240 0.75 10.45 -15.05
CA GLY A 240 -0.59 10.73 -14.53
C GLY A 240 -1.60 9.67 -14.93
N ASP A 241 -2.87 10.06 -14.99
CA ASP A 241 -3.92 9.08 -15.32
C ASP A 241 -3.66 8.25 -16.61
N PRO A 242 -3.21 8.90 -17.70
CA PRO A 242 -3.05 8.08 -18.91
C PRO A 242 -2.05 6.92 -18.69
N GLU A 243 -0.94 7.22 -18.04
CA GLU A 243 0.11 6.21 -17.84
C GLU A 243 -0.35 5.12 -16.86
N TYR A 244 -1.04 5.52 -15.80
CA TYR A 244 -1.52 4.52 -14.84
C TYR A 244 -2.62 3.66 -15.49
N MET A 245 -3.52 4.28 -16.24
CA MET A 245 -4.57 3.50 -16.89
C MET A 245 -3.96 2.51 -17.88
N ALA A 246 -2.95 2.95 -18.63
CA ALA A 246 -2.28 2.06 -19.59
C ALA A 246 -1.54 0.89 -18.90
N ALA A 247 -0.86 1.18 -17.80
CA ALA A 247 -0.18 0.13 -17.05
C ALA A 247 -1.20 -0.89 -16.51
N PHE A 248 -2.36 -0.41 -16.06
CA PHE A 248 -3.38 -1.35 -15.61
C PHE A 248 -3.95 -2.16 -16.77
N HIS A 249 -4.15 -1.50 -17.89
CA HIS A 249 -4.70 -2.16 -19.08
C HIS A 249 -3.76 -3.23 -19.63
N HIS A 250 -2.48 -2.91 -19.77
CA HIS A 250 -1.55 -3.83 -20.43
C HIS A 250 -0.87 -4.82 -19.51
N LEU A 251 -0.78 -4.49 -18.23
CA LEU A 251 0.01 -5.29 -17.29
C LEU A 251 -0.76 -5.74 -16.04
N VAL A 252 -1.22 -4.79 -15.22
CA VAL A 252 -1.76 -5.16 -13.93
C VAL A 252 -2.98 -6.08 -14.08
N MET A 253 -3.92 -5.72 -14.94
CA MET A 253 -5.15 -6.51 -14.97
C MET A 253 -4.99 -7.84 -15.71
N PRO A 254 -4.25 -7.89 -16.84
CA PRO A 254 -4.12 -9.22 -17.47
C PRO A 254 -3.37 -10.20 -16.57
N ILE A 255 -2.32 -9.75 -15.91
CA ILE A 255 -1.58 -10.61 -15.00
C ILE A 255 -2.46 -11.01 -13.82
N ALA A 256 -3.15 -10.04 -13.21
CA ALA A 256 -3.98 -10.36 -12.06
C ALA A 256 -5.07 -11.37 -12.43
N ARG A 257 -5.71 -11.18 -13.58
CA ARG A 257 -6.76 -12.14 -14.01
C ARG A 257 -6.20 -13.54 -14.16
N GLU A 258 -4.99 -13.64 -14.71
CA GLU A 258 -4.35 -14.94 -14.89
C GLU A 258 -3.94 -15.57 -13.55
N PHE A 259 -3.55 -14.75 -12.60
CA PHE A 259 -3.19 -15.21 -11.26
C PHE A 259 -4.42 -15.74 -10.52
N ALA A 260 -5.56 -15.10 -10.77
CA ALA A 260 -6.83 -15.44 -10.13
C ALA A 260 -6.76 -15.35 -8.61
N PRO A 261 -6.47 -14.15 -8.09
CA PRO A 261 -6.33 -14.04 -6.63
C PRO A 261 -7.62 -14.36 -5.89
N GLU A 262 -7.47 -14.82 -4.65
CA GLU A 262 -8.61 -15.07 -3.78
C GLU A 262 -8.81 -13.90 -2.82
N LEU A 263 -7.83 -12.99 -2.77
CA LEU A 263 -7.93 -11.75 -2.00
C LEU A 263 -7.04 -10.71 -2.65
N VAL A 264 -7.52 -9.46 -2.71
CA VAL A 264 -6.70 -8.37 -3.25
C VAL A 264 -6.44 -7.37 -2.14
N LEU A 265 -5.17 -7.08 -1.91
CA LEU A 265 -4.78 -6.03 -0.99
C LEU A 265 -4.20 -4.88 -1.81
N VAL A 266 -4.62 -3.66 -1.52
CA VAL A 266 -4.00 -2.53 -2.20
C VAL A 266 -3.11 -1.77 -1.22
N SER A 267 -1.81 -1.72 -1.52
CA SER A 267 -0.91 -0.81 -0.81
C SER A 267 -1.16 0.55 -1.44
N ALA A 268 -2.15 1.23 -0.87
CA ALA A 268 -2.71 2.42 -1.48
C ALA A 268 -2.09 3.67 -0.90
N GLY A 269 -0.92 4.01 -1.41
CA GLY A 269 -0.36 5.33 -1.14
C GLY A 269 -1.05 6.28 -2.11
N PHE A 270 -1.22 7.53 -1.72
CA PHE A 270 -1.79 8.52 -2.63
C PHE A 270 -0.77 9.61 -2.92
N ASP A 271 0.51 9.24 -2.99
CA ASP A 271 1.53 10.21 -3.30
C ASP A 271 1.88 10.25 -4.78
N ALA A 272 1.20 9.46 -5.63
CA ALA A 272 1.27 9.73 -7.07
C ALA A 272 0.22 10.76 -7.47
N ALA A 273 -0.48 11.30 -6.47
CA ALA A 273 -1.57 12.25 -6.70
C ALA A 273 -1.09 13.62 -7.13
N ARG A 274 -1.86 14.23 -8.03
CA ARG A 274 -1.75 15.65 -8.34
C ARG A 274 -1.64 16.42 -7.04
N GLY A 275 -0.59 17.23 -6.90
CA GLY A 275 -0.41 18.04 -5.69
C GLY A 275 0.53 17.46 -4.65
N ASP A 276 0.94 16.20 -4.80
CA ASP A 276 1.81 15.61 -3.79
C ASP A 276 3.22 16.21 -3.85
N PRO A 277 3.75 16.64 -2.69
CA PRO A 277 5.09 17.26 -2.67
C PRO A 277 6.24 16.26 -2.86
N LEU A 278 6.01 14.98 -2.63
CA LEU A 278 7.09 14.01 -2.76
C LEU A 278 7.05 13.30 -4.12
N GLY A 279 5.85 13.05 -4.63
CA GLY A 279 5.70 12.18 -5.80
C GLY A 279 5.93 12.89 -7.13
N GLY A 280 5.47 14.13 -7.23
CA GLY A 280 5.65 14.92 -8.45
C GLY A 280 4.86 14.42 -9.66
N PHE A 281 3.84 13.61 -9.38
CA PHE A 281 2.98 13.05 -10.42
C PHE A 281 1.60 13.74 -10.40
N GLN A 282 0.68 13.30 -11.28
CA GLN A 282 -0.59 14.01 -11.42
C GLN A 282 -1.78 13.06 -11.61
N VAL A 283 -1.73 11.89 -10.97
CA VAL A 283 -2.93 11.01 -10.91
C VAL A 283 -4.07 11.74 -10.19
N THR A 284 -5.27 11.69 -10.75
CA THR A 284 -6.39 12.47 -10.24
C THR A 284 -7.24 11.58 -9.34
N PRO A 285 -8.15 12.20 -8.54
CA PRO A 285 -9.04 11.34 -7.73
C PRO A 285 -9.86 10.41 -8.61
N GLU A 286 -10.30 10.93 -9.75
CA GLU A 286 -11.04 10.12 -10.71
C GLU A 286 -10.19 8.96 -11.21
N GLY A 287 -8.91 9.21 -11.42
CA GLY A 287 -8.01 8.15 -11.84
C GLY A 287 -7.95 7.06 -10.79
N TYR A 288 -7.76 7.43 -9.53
CA TYR A 288 -7.77 6.42 -8.46
C TYR A 288 -9.09 5.65 -8.41
N ALA A 289 -10.19 6.34 -8.65
CA ALA A 289 -11.49 5.65 -8.69
C ALA A 289 -11.48 4.56 -9.75
N HIS A 290 -10.98 4.87 -10.94
CA HIS A 290 -10.96 3.86 -11.99
C HIS A 290 -10.01 2.71 -11.67
N LEU A 291 -8.86 3.01 -11.06
CA LEU A 291 -7.97 1.92 -10.65
C LEU A 291 -8.67 1.00 -9.68
N THR A 292 -9.35 1.59 -8.70
CA THR A 292 -10.10 0.80 -7.70
C THR A 292 -11.17 -0.06 -8.37
N HIS A 293 -11.95 0.54 -9.25
CA HIS A 293 -13.09 -0.13 -9.89
C HIS A 293 -12.60 -1.32 -10.72
N GLN A 294 -11.45 -1.19 -11.37
CA GLN A 294 -10.86 -2.31 -12.10
C GLN A 294 -10.49 -3.46 -11.13
N LEU A 295 -9.87 -3.13 -10.00
CA LEU A 295 -9.45 -4.18 -9.06
C LEU A 295 -10.66 -4.91 -8.47
N MET A 296 -11.80 -4.23 -8.39
CA MET A 296 -13.03 -4.84 -7.88
C MET A 296 -13.53 -6.00 -8.75
N SER A 297 -13.03 -6.10 -9.97
CA SER A 297 -13.45 -7.22 -10.83
C SER A 297 -12.71 -8.51 -10.46
N LEU A 298 -11.76 -8.41 -9.54
CA LEU A 298 -10.94 -9.56 -9.13
C LEU A 298 -11.43 -10.18 -7.83
N ALA A 299 -11.11 -11.46 -7.62
CA ALA A 299 -11.31 -12.13 -6.34
C ALA A 299 -12.75 -11.98 -5.82
N ALA A 300 -13.72 -12.03 -6.72
CA ALA A 300 -15.14 -11.87 -6.40
C ALA A 300 -15.37 -10.61 -5.58
N GLY A 301 -14.56 -9.59 -5.84
CA GLY A 301 -14.72 -8.29 -5.20
C GLY A 301 -14.03 -8.14 -3.86
N ARG A 302 -13.30 -9.16 -3.42
CA ARG A 302 -12.65 -9.12 -2.12
C ARG A 302 -11.39 -8.24 -2.16
N VAL A 303 -11.57 -6.96 -1.90
CA VAL A 303 -10.51 -5.95 -2.02
C VAL A 303 -10.41 -5.19 -0.71
N LEU A 304 -9.18 -5.06 -0.19
CA LEU A 304 -8.92 -4.27 1.01
C LEU A 304 -7.94 -3.18 0.63
N ILE A 305 -8.37 -1.94 0.78
CA ILE A 305 -7.52 -0.78 0.43
C ILE A 305 -6.83 -0.27 1.69
N ILE A 306 -5.50 -0.32 1.70
CA ILE A 306 -4.71 0.02 2.88
C ILE A 306 -3.92 1.28 2.63
N LEU A 307 -4.15 2.31 3.44
CA LEU A 307 -3.38 3.56 3.26
C LEU A 307 -1.87 3.33 3.46
N GLU A 308 -1.06 3.81 2.51
CA GLU A 308 0.40 3.82 2.64
C GLU A 308 0.83 5.27 2.75
N GLY A 309 1.54 5.81 1.74
CA GLY A 309 1.93 7.22 1.75
C GLY A 309 0.90 8.16 1.13
N GLY A 310 1.34 9.36 0.73
CA GLY A 310 0.43 10.41 0.25
C GLY A 310 0.46 11.58 1.24
N TYR A 311 0.86 12.78 0.80
CA TYR A 311 1.28 13.82 1.74
C TYR A 311 0.61 15.16 1.53
N ASN A 312 -0.19 15.26 0.47
CA ASN A 312 -0.99 16.48 0.27
C ASN A 312 -2.34 16.17 0.90
N LEU A 313 -2.67 16.87 1.99
CA LEU A 313 -3.82 16.44 2.80
C LEU A 313 -5.11 16.48 1.99
N THR A 314 -5.27 17.52 1.17
CA THR A 314 -6.45 17.60 0.33
C THR A 314 -6.46 16.48 -0.72
N SER A 315 -5.33 16.28 -1.38
CA SER A 315 -5.25 15.25 -2.43
C SER A 315 -5.56 13.85 -1.90
N ILE A 316 -4.98 13.50 -0.76
CA ILE A 316 -5.18 12.16 -0.25
C ILE A 316 -6.60 11.97 0.24
N SER A 317 -7.20 13.03 0.76
CA SER A 317 -8.57 12.92 1.28
C SER A 317 -9.56 12.70 0.14
N GLU A 318 -9.37 13.48 -0.92
CA GLU A 318 -10.22 13.35 -2.10
CA GLU A 318 -10.24 13.34 -2.08
C GLU A 318 -10.02 12.00 -2.79
N SER A 319 -8.77 11.61 -2.93
CA SER A 319 -8.43 10.38 -3.68
C SER A 319 -8.90 9.15 -2.93
N MET A 320 -8.60 9.03 -1.65
CA MET A 320 -9.02 7.82 -0.96
C MET A 320 -10.55 7.78 -0.84
N SER A 321 -11.20 8.92 -0.62
CA SER A 321 -12.67 8.93 -0.58
C SER A 321 -13.25 8.40 -1.90
N MET A 322 -12.65 8.76 -3.04
CA MET A 322 -13.11 8.27 -4.34
CA MET A 322 -13.13 8.28 -4.32
C MET A 322 -13.01 6.76 -4.42
N CYS A 323 -11.93 6.22 -3.86
CA CYS A 323 -11.75 4.76 -3.84
C CYS A 323 -12.86 4.08 -3.04
N THR A 324 -13.19 4.64 -1.88
CA THR A 324 -14.25 4.07 -1.04
C THR A 324 -15.61 4.18 -1.76
N SER A 325 -15.82 5.31 -2.44
CA SER A 325 -17.04 5.47 -3.24
C SER A 325 -17.18 4.33 -4.27
N MET A 326 -16.08 3.96 -4.92
CA MET A 326 -16.12 2.80 -5.83
C MET A 326 -16.41 1.49 -5.11
N LEU A 327 -15.75 1.25 -3.98
CA LEU A 327 -16.00 0.03 -3.19
C LEU A 327 -17.48 -0.10 -2.86
N LEU A 328 -18.12 1.05 -2.58
CA LEU A 328 -19.53 1.10 -2.20
C LEU A 328 -20.48 0.87 -3.37
N GLY A 329 -19.92 0.75 -4.57
CA GLY A 329 -20.72 0.46 -5.75
C GLY A 329 -21.17 1.67 -6.54
N ASP A 330 -20.62 2.84 -6.24
CA ASP A 330 -20.99 4.02 -7.03
C ASP A 330 -20.41 3.94 -8.45
N SER A 331 -21.06 4.59 -9.40
CA SER A 331 -20.59 4.60 -10.79
CA SER A 331 -20.58 4.59 -10.78
C SER A 331 -19.29 5.38 -10.91
N PRO A 332 -18.31 4.82 -11.63
CA PRO A 332 -17.04 5.54 -11.81
C PRO A 332 -17.28 6.90 -12.47
N PRO A 333 -16.49 7.89 -12.09
CA PRO A 333 -16.61 9.24 -12.64
C PRO A 333 -16.09 9.28 -14.07
N SER A 334 -16.49 10.27 -14.84
CA SER A 334 -15.98 10.38 -16.20
C SER A 334 -14.49 10.65 -16.12
N LEU A 335 -13.76 10.05 -17.06
CA LEU A 335 -12.32 10.15 -17.08
C LEU A 335 -11.83 10.50 -18.48
N HIS A 337 -8.48 9.18 -19.10
CA HIS A 337 -7.21 8.72 -19.65
C HIS A 337 -6.92 9.63 -20.82
N LEU A 338 -7.10 10.92 -20.57
CA LEU A 338 -7.28 11.92 -21.60
C LEU A 338 -6.15 12.18 -22.60
N THR A 339 -5.15 11.31 -22.72
CA THR A 339 -3.98 11.73 -23.49
C THR A 339 -2.99 10.62 -23.94
N PRO A 340 -2.29 10.81 -25.08
CA PRO A 340 -1.22 9.86 -25.42
C PRO A 340 -0.17 9.78 -24.30
N LEU A 341 0.47 8.63 -24.14
CA LEU A 341 1.45 8.43 -23.09
C LEU A 341 2.72 9.19 -23.29
N LYS A 342 3.37 9.60 -22.19
CA LYS A 342 4.74 10.06 -22.30
C LYS A 342 5.55 8.91 -22.89
N THR A 343 6.47 9.23 -23.79
CA THR A 343 7.22 8.17 -24.47
C THR A 343 8.00 7.25 -23.52
N SER A 344 8.56 7.79 -22.42
CA SER A 344 9.28 6.92 -21.49
C SER A 344 8.34 5.97 -20.75
N ALA A 345 7.07 6.34 -20.60
CA ALA A 345 6.10 5.41 -20.00
C ALA A 345 5.79 4.22 -20.94
N THR A 346 5.71 4.52 -22.24
CA THR A 346 5.57 3.45 -23.22
C THR A 346 6.77 2.51 -23.12
N VAL A 347 7.97 3.08 -23.01
CA VAL A 347 9.18 2.28 -22.89
C VAL A 347 9.13 1.41 -21.61
N SER A 348 8.71 2.00 -20.50
CA SER A 348 8.58 1.23 -19.25
C SER A 348 7.61 0.07 -19.39
N ILE A 349 6.43 0.34 -19.92
CA ILE A 349 5.44 -0.70 -20.05
C ILE A 349 5.96 -1.82 -20.95
N ASN A 350 6.64 -1.45 -22.04
CA ASN A 350 7.16 -2.46 -22.94
C ASN A 350 8.28 -3.28 -22.30
N ASN A 351 9.07 -2.64 -21.44
CA ASN A 351 10.12 -3.36 -20.72
C ASN A 351 9.54 -4.40 -19.78
N VAL A 352 8.46 -4.04 -19.09
CA VAL A 352 7.84 -4.98 -18.16
C VAL A 352 7.18 -6.12 -18.95
N LEU A 353 6.55 -5.79 -20.06
CA LEU A 353 5.93 -6.78 -20.95
C LEU A 353 6.96 -7.81 -21.41
N ARG A 354 8.13 -7.33 -21.80
CA ARG A 354 9.19 -8.22 -22.24
CA ARG A 354 9.19 -8.22 -22.24
C ARG A 354 9.70 -9.08 -21.07
N ALA A 355 9.80 -8.49 -19.89
CA ALA A 355 10.29 -9.21 -18.71
C ALA A 355 9.33 -10.28 -18.23
N HIS A 356 8.03 -10.06 -18.40
CA HIS A 356 7.07 -11.01 -17.82
C HIS A 356 6.33 -11.91 -18.81
N ALA A 357 6.46 -11.66 -20.12
CA ALA A 357 5.87 -12.58 -21.09
C ALA A 357 6.31 -14.06 -20.92
N PRO A 358 7.55 -14.32 -20.43
CA PRO A 358 7.86 -15.75 -20.24
C PRO A 358 7.02 -16.44 -19.17
N PHE A 359 6.41 -15.66 -18.29
CA PHE A 359 5.69 -16.20 -17.14
C PHE A 359 4.17 -16.12 -17.26
N TRP A 360 3.68 -15.19 -18.06
CA TRP A 360 2.23 -14.92 -18.14
C TRP A 360 1.74 -14.98 -19.58
N SER A 361 0.92 -15.98 -19.88
CA SER A 361 0.45 -16.19 -21.24
C SER A 361 -0.39 -15.02 -21.71
N SER A 362 -1.01 -14.30 -20.77
CA SER A 362 -1.86 -13.17 -21.11
C SER A 362 -1.08 -12.01 -21.74
N LEU A 363 0.25 -12.03 -21.61
CA LEU A 363 1.05 -10.93 -22.15
C LEU A 363 1.60 -11.25 -23.53
N ARG A 364 1.27 -12.43 -24.03
CA ARG A 364 1.84 -12.91 -25.30
C ARG A 364 0.89 -12.74 -26.46
N ALA B 3 14.60 12.28 4.89
CA ALA B 3 15.97 12.69 5.08
C ALA B 3 16.78 12.90 3.81
#